data_4EVV
#
_entry.id   4EVV
#
_cell.length_a   40.69
_cell.length_b   110.77
_cell.length_c   119.24
_cell.angle_alpha   90.00
_cell.angle_beta   90.00
_cell.angle_gamma   90.00
#
_symmetry.space_group_name_H-M   'C 2 2 21'
#
loop_
_entity.id
_entity.type
_entity.pdbx_description
1 polymer 'Methyl-CpG-binding domain protein 4'
2 polymer "DNA (5'-D(*TP*CP*AP*GP*CP*GP*CP*AP*TP*GP*G)-3')"
3 polymer "DNA (5'-D(*CP*CP*AP*TP*GP*TP*GP*CP*TP*GP*A)-3')"
4 non-polymer 1,2-ETHANEDIOL
5 non-polymer 'NICKEL (II) ION'
6 water water
#
loop_
_entity_poly.entity_id
_entity_poly.type
_entity_poly.pdbx_seq_one_letter_code
_entity_poly.pdbx_strand_id
1 'polypeptide(L)'
;HMKWTPPRSPFNLVQEILFHDPWKLLIATIFLNRTSGKMAIPVLWEFLEKYPSAEVARAADWRDVSELLKPLGLYDLRAK
TIIKFSDEYLTKQWRYPIELHGIGKYGNDSYRIFCVNEWKQVHPENHKLNKYHDWLWENHEKLSLS
;
A
2 'polydeoxyribonucleotide' (DT)(DC)(DA)(DG)(DC)(DG)(DC)(DA)(DT)(DG)(DG) B
3 'polydeoxyribonucleotide' (DC)(DC)(DA)(DT)(DG)(DT)(DG)(DC)(DT)(DG)(DA) C
#
loop_
_chem_comp.id
_chem_comp.type
_chem_comp.name
_chem_comp.formula
DA DNA linking 2'-DEOXYADENOSINE-5'-MONOPHOSPHATE 'C10 H14 N5 O6 P'
DC DNA linking 2'-DEOXYCYTIDINE-5'-MONOPHOSPHATE 'C9 H14 N3 O7 P'
DG DNA linking 2'-DEOXYGUANOSINE-5'-MONOPHOSPHATE 'C10 H14 N5 O7 P'
DT DNA linking THYMIDINE-5'-MONOPHOSPHATE 'C10 H15 N2 O8 P'
EDO non-polymer 1,2-ETHANEDIOL 'C2 H6 O2'
NI non-polymer 'NICKEL (II) ION' 'Ni 2'
#
# COMPACT_ATOMS: atom_id res chain seq x y z
N MET A 2 12.35 -19.90 6.23
CA MET A 2 12.37 -18.85 5.23
C MET A 2 11.24 -17.85 5.43
N LYS A 3 11.60 -16.58 5.61
CA LYS A 3 10.63 -15.51 5.64
C LYS A 3 10.83 -14.59 4.43
N TRP A 4 9.75 -14.21 3.78
CA TRP A 4 9.82 -13.42 2.56
C TRP A 4 10.18 -11.96 2.79
N THR A 5 11.30 -11.54 2.22
CA THR A 5 11.70 -10.14 2.24
C THR A 5 11.92 -9.65 0.81
N PRO A 6 11.05 -8.75 0.33
CA PRO A 6 11.11 -8.22 -1.03
C PRO A 6 12.43 -7.53 -1.32
N PRO A 7 13.04 -7.81 -2.47
CA PRO A 7 14.29 -7.16 -2.88
C PRO A 7 14.03 -5.77 -3.44
N ARG A 8 15.03 -4.89 -3.36
CA ARG A 8 14.91 -3.56 -3.94
C ARG A 8 15.15 -3.62 -5.44
N SER A 9 14.29 -2.94 -6.19
CA SER A 9 14.37 -2.96 -7.65
C SER A 9 14.82 -1.59 -8.16
N PRO A 10 15.24 -1.52 -9.44
CA PRO A 10 15.58 -0.21 -10.02
C PRO A 10 14.35 0.68 -10.19
N PHE A 11 13.16 0.09 -10.10
CA PHE A 11 11.92 0.84 -10.28
C PHE A 11 11.63 1.71 -9.05
N ASN A 12 12.17 1.31 -7.90
CA ASN A 12 11.98 2.01 -6.65
C ASN A 12 10.51 2.21 -6.26
N LEU A 13 9.75 1.11 -6.28
CA LEU A 13 8.36 1.15 -5.82
C LEU A 13 8.36 1.47 -4.34
N VAL A 14 7.40 2.30 -3.91
CA VAL A 14 7.31 2.71 -2.51
C VAL A 14 7.00 1.52 -1.62
N GLN A 15 6.44 0.46 -2.21
CA GLN A 15 6.12 -0.75 -1.46
C GLN A 15 7.40 -1.46 -0.98
N GLU A 16 8.50 -1.21 -1.67
CA GLU A 16 9.77 -1.88 -1.37
C GLU A 16 10.32 -1.50 0.00
N ILE A 17 9.86 -0.38 0.54
CA ILE A 17 10.31 0.07 1.86
C ILE A 17 9.19 0.01 2.89
N LEU A 18 8.02 -0.47 2.47
CA LEU A 18 6.85 -0.50 3.33
C LEU A 18 6.32 -1.92 3.54
N PHE A 19 7.06 -2.91 3.05
CA PHE A 19 6.63 -4.30 3.12
C PHE A 19 6.42 -4.80 4.55
N HIS A 20 7.22 -4.28 5.47
CA HIS A 20 7.20 -4.74 6.86
C HIS A 20 6.02 -4.17 7.64
N ASP A 21 5.29 -3.25 7.02
CA ASP A 21 4.10 -2.66 7.64
C ASP A 21 2.95 -2.68 6.64
N PRO A 22 2.16 -3.77 6.66
CA PRO A 22 1.06 -3.99 5.72
C PRO A 22 0.06 -2.82 5.70
N TRP A 23 -0.23 -2.23 6.85
CA TRP A 23 -1.14 -1.09 6.91
C TRP A 23 -0.57 0.10 6.13
N LYS A 24 0.70 0.41 6.37
CA LYS A 24 1.36 1.52 5.69
C LYS A 24 1.45 1.26 4.19
N LEU A 25 1.67 0.01 3.82
CA LEU A 25 1.76 -0.37 2.41
C LEU A 25 0.43 -0.16 1.70
N LEU A 26 -0.65 -0.55 2.37
CA LEU A 26 -2.00 -0.41 1.83
C LEU A 26 -2.44 1.05 1.80
N ILE A 27 -2.02 1.81 2.81
CA ILE A 27 -2.27 3.24 2.83
C ILE A 27 -1.59 3.89 1.62
N ALA A 28 -0.39 3.42 1.32
CA ALA A 28 0.37 3.92 0.17
C ALA A 28 -0.34 3.64 -1.14
N THR A 29 -0.93 2.46 -1.25
CA THR A 29 -1.68 2.07 -2.45
C THR A 29 -2.83 3.05 -2.69
N ILE A 30 -3.59 3.34 -1.64
CA ILE A 30 -4.70 4.27 -1.70
C ILE A 30 -4.23 5.66 -2.15
N PHE A 31 -3.08 6.08 -1.65
CA PHE A 31 -2.48 7.36 -2.04
C PHE A 31 -2.14 7.39 -3.52
N LEU A 32 -1.85 6.21 -4.08
CA LEU A 32 -1.44 6.11 -5.47
C LEU A 32 -2.61 5.87 -6.41
N ASN A 33 -3.82 5.82 -5.86
CA ASN A 33 -5.03 5.68 -6.66
C ASN A 33 -5.24 6.88 -7.59
N ARG A 34 -4.95 6.68 -8.88
CA ARG A 34 -5.08 7.72 -9.89
C ARG A 34 -4.31 8.98 -9.51
N THR A 35 -3.16 8.79 -8.86
CA THR A 35 -2.34 9.89 -8.38
C THR A 35 -0.86 9.56 -8.59
N SER A 36 -0.09 10.54 -9.06
CA SER A 36 1.33 10.33 -9.32
C SER A 36 2.10 10.13 -8.01
N GLY A 37 3.11 9.26 -8.07
CA GLY A 37 3.93 8.99 -6.90
C GLY A 37 4.76 10.20 -6.50
N LYS A 38 5.10 11.03 -7.48
CA LYS A 38 5.88 12.24 -7.23
C LYS A 38 5.13 13.19 -6.29
N MET A 39 3.81 13.17 -6.37
CA MET A 39 2.96 14.03 -5.54
C MET A 39 2.51 13.31 -4.27
N ALA A 40 2.04 12.09 -4.43
CA ALA A 40 1.44 11.33 -3.34
C ALA A 40 2.43 10.94 -2.23
N ILE A 41 3.55 10.36 -2.63
CA ILE A 41 4.55 9.87 -1.68
C ILE A 41 5.06 10.90 -0.64
N PRO A 42 5.37 12.13 -1.07
CA PRO A 42 5.74 13.14 -0.06
C PRO A 42 4.60 13.43 0.91
N VAL A 43 3.37 13.47 0.41
CA VAL A 43 2.20 13.69 1.26
C VAL A 43 1.98 12.48 2.16
N LEU A 44 2.34 11.30 1.65
CA LEU A 44 2.24 10.07 2.41
C LEU A 44 3.09 10.13 3.68
N TRP A 45 4.32 10.60 3.54
CA TRP A 45 5.23 10.71 4.68
C TRP A 45 4.72 11.72 5.70
N GLU A 46 4.09 12.78 5.21
CA GLU A 46 3.50 13.79 6.09
C GLU A 46 2.33 13.19 6.84
N PHE A 47 1.53 12.39 6.14
CA PHE A 47 0.39 11.70 6.73
C PHE A 47 0.83 10.70 7.79
N LEU A 48 1.85 9.91 7.46
CA LEU A 48 2.33 8.86 8.35
C LEU A 48 2.89 9.40 9.66
N GLU A 49 3.49 10.58 9.66
CA GLU A 49 4.05 11.12 10.90
C GLU A 49 2.97 11.61 11.83
N LYS A 50 1.86 12.04 11.24
CA LYS A 50 0.71 12.52 12.00
C LYS A 50 -0.22 11.37 12.37
N TYR A 51 -0.22 10.32 11.55
CA TYR A 51 -1.02 9.12 11.82
C TYR A 51 -0.18 7.86 11.59
N PRO A 52 0.66 7.51 12.56
CA PRO A 52 1.64 6.41 12.44
C PRO A 52 1.04 5.01 12.43
N SER A 53 -0.20 4.87 12.89
CA SER A 53 -0.82 3.55 12.97
C SER A 53 -2.30 3.58 12.63
N ALA A 54 -2.90 2.40 12.56
CA ALA A 54 -4.34 2.30 12.30
C ALA A 54 -5.12 2.71 13.54
N GLU A 55 -4.47 2.63 14.71
CA GLU A 55 -5.09 3.05 15.96
C GLU A 55 -5.35 4.54 15.96
N VAL A 56 -4.37 5.31 15.50
CA VAL A 56 -4.47 6.76 15.46
C VAL A 56 -5.32 7.20 14.25
N ALA A 57 -5.25 6.42 13.18
CA ALA A 57 -5.94 6.77 11.94
C ALA A 57 -7.45 6.56 12.02
N ARG A 58 -7.88 5.60 12.85
CA ARG A 58 -9.31 5.34 13.02
C ARG A 58 -9.94 6.35 13.96
N ALA A 59 -9.13 6.93 14.84
CA ALA A 59 -9.59 7.94 15.78
C ALA A 59 -9.40 9.33 15.18
N ALA A 60 -9.02 9.38 13.90
CA ALA A 60 -8.72 10.63 13.23
C ALA A 60 -9.99 11.36 12.79
N ASP A 61 -9.84 12.66 12.53
CA ASP A 61 -10.93 13.46 11.98
C ASP A 61 -10.68 13.66 10.50
N TRP A 62 -11.68 13.33 9.68
CA TRP A 62 -11.51 13.29 8.23
C TRP A 62 -11.27 14.66 7.59
N ARG A 63 -11.60 15.72 8.31
CA ARG A 63 -11.38 17.07 7.80
C ARG A 63 -9.90 17.41 7.79
N ASP A 64 -9.18 16.94 8.80
CA ASP A 64 -7.74 17.15 8.88
C ASP A 64 -7.01 16.35 7.80
N VAL A 65 -7.54 15.17 7.50
CA VAL A 65 -6.94 14.29 6.49
C VAL A 65 -7.19 14.82 5.08
N SER A 66 -8.43 15.21 4.81
CA SER A 66 -8.80 15.74 3.51
C SER A 66 -8.01 17.02 3.21
N GLU A 67 -7.79 17.82 4.25
CA GLU A 67 -7.00 19.03 4.16
C GLU A 67 -5.59 18.71 3.69
N LEU A 68 -5.08 17.56 4.14
CA LEU A 68 -3.74 17.13 3.79
C LEU A 68 -3.69 16.52 2.40
N LEU A 69 -4.84 16.09 1.90
CA LEU A 69 -4.92 15.42 0.60
C LEU A 69 -5.38 16.35 -0.52
N LYS A 70 -5.75 17.58 -0.15
CA LYS A 70 -6.27 18.55 -1.11
C LYS A 70 -5.45 18.76 -2.40
N PRO A 71 -4.12 18.96 -2.28
CA PRO A 71 -3.37 19.18 -3.53
C PRO A 71 -3.22 17.91 -4.37
N LEU A 72 -3.55 16.76 -3.80
CA LEU A 72 -3.46 15.50 -4.53
C LEU A 72 -4.70 15.24 -5.38
N GLY A 73 -5.83 15.76 -4.91
CA GLY A 73 -7.12 15.44 -5.51
C GLY A 73 -7.70 14.24 -4.78
N LEU A 74 -9.00 14.02 -4.97
CA LEU A 74 -9.71 12.93 -4.28
C LEU A 74 -9.54 13.04 -2.77
N TYR A 75 -9.61 14.25 -2.24
CA TYR A 75 -9.30 14.49 -0.84
C TYR A 75 -10.40 14.09 0.14
N ASP A 76 -11.66 14.28 -0.26
CA ASP A 76 -12.78 13.99 0.64
C ASP A 76 -13.03 12.50 0.84
N LEU A 77 -13.23 11.77 -0.25
CA LEU A 77 -13.57 10.36 -0.17
C LEU A 77 -12.42 9.50 0.39
N ARG A 78 -11.20 9.82 0.00
CA ARG A 78 -10.02 9.12 0.51
C ARG A 78 -9.90 9.26 2.02
N ALA A 79 -10.13 10.47 2.51
CA ALA A 79 -10.02 10.77 3.94
C ALA A 79 -10.94 9.88 4.77
N LYS A 80 -12.17 9.72 4.30
CA LYS A 80 -13.14 8.86 4.97
C LYS A 80 -12.79 7.39 4.77
N THR A 81 -12.34 7.07 3.56
CA THR A 81 -11.93 5.72 3.22
C THR A 81 -10.76 5.27 4.09
N ILE A 82 -9.75 6.12 4.18
CA ILE A 82 -8.56 5.83 4.98
C ILE A 82 -8.89 5.57 6.45
N ILE A 83 -9.76 6.41 7.01
CA ILE A 83 -10.20 6.24 8.39
C ILE A 83 -10.96 4.92 8.56
N LYS A 84 -11.91 4.67 7.67
CA LYS A 84 -12.72 3.46 7.73
C LYS A 84 -11.86 2.21 7.53
N PHE A 85 -10.96 2.27 6.55
CA PHE A 85 -10.03 1.17 6.28
C PHE A 85 -9.18 0.86 7.51
N SER A 86 -8.68 1.90 8.15
CA SER A 86 -7.84 1.75 9.34
C SER A 86 -8.64 1.16 10.50
N ASP A 87 -9.93 1.46 10.52
CA ASP A 87 -10.82 0.91 11.55
C ASP A 87 -11.04 -0.58 11.30
N GLU A 88 -11.38 -0.93 10.06
CA GLU A 88 -11.62 -2.31 9.68
C GLU A 88 -10.36 -3.16 9.80
N TYR A 89 -9.22 -2.56 9.46
CA TYR A 89 -7.93 -3.25 9.54
C TYR A 89 -7.64 -3.69 10.96
N LEU A 90 -8.17 -2.95 11.94
CA LEU A 90 -7.93 -3.24 13.34
C LEU A 90 -9.05 -4.06 13.99
N THR A 91 -10.23 -4.01 13.40
CA THR A 91 -11.39 -4.67 14.01
C THR A 91 -11.88 -5.87 13.20
N LYS A 92 -12.32 -5.61 11.97
CA LYS A 92 -12.88 -6.65 11.11
C LYS A 92 -11.89 -7.78 10.86
N GLN A 93 -12.32 -9.01 11.14
CA GLN A 93 -11.50 -10.19 10.88
C GLN A 93 -11.28 -10.36 9.38
N TRP A 94 -10.02 -10.40 8.97
CA TRP A 94 -9.70 -10.50 7.55
C TRP A 94 -8.48 -11.40 7.31
N ARG A 95 -8.50 -12.10 6.19
CA ARG A 95 -7.37 -12.93 5.77
C ARG A 95 -6.56 -12.18 4.72
N TYR A 96 -7.26 -11.44 3.87
CA TYR A 96 -6.61 -10.61 2.86
C TYR A 96 -7.20 -9.20 2.84
N PRO A 97 -6.36 -8.19 2.58
CA PRO A 97 -6.75 -6.78 2.67
C PRO A 97 -7.88 -6.35 1.74
N ILE A 98 -8.15 -7.13 0.70
CA ILE A 98 -9.23 -6.80 -0.22
C ILE A 98 -10.59 -6.85 0.49
N GLU A 99 -10.70 -7.75 1.47
CA GLU A 99 -11.91 -7.87 2.28
C GLU A 99 -12.24 -6.55 2.97
N LEU A 100 -11.22 -5.71 3.12
CA LEU A 100 -11.39 -4.40 3.72
C LEU A 100 -11.84 -3.37 2.68
N HIS A 101 -12.38 -2.27 3.18
CA HIS A 101 -12.91 -1.19 2.34
C HIS A 101 -11.80 -0.25 1.89
N GLY A 102 -11.85 0.13 0.62
CA GLY A 102 -10.85 1.02 0.05
C GLY A 102 -9.74 0.27 -0.66
N ILE A 103 -9.61 -1.01 -0.33
CA ILE A 103 -8.63 -1.87 -1.00
C ILE A 103 -9.31 -2.75 -2.03
N GLY A 104 -8.80 -2.71 -3.26
CA GLY A 104 -9.26 -3.58 -4.32
C GLY A 104 -8.17 -4.53 -4.77
N LYS A 105 -8.14 -4.84 -6.06
CA LYS A 105 -7.18 -5.81 -6.59
C LYS A 105 -5.74 -5.30 -6.55
N TYR A 106 -5.54 -4.04 -6.92
CA TYR A 106 -4.20 -3.46 -6.91
C TYR A 106 -3.60 -3.44 -5.51
N GLY A 107 -4.40 -3.03 -4.53
CA GLY A 107 -3.97 -3.00 -3.15
C GLY A 107 -3.72 -4.38 -2.60
N ASN A 108 -4.54 -5.33 -3.03
CA ASN A 108 -4.44 -6.71 -2.55
C ASN A 108 -3.28 -7.47 -3.20
N ASP A 109 -2.99 -7.14 -4.46
CA ASP A 109 -1.87 -7.75 -5.16
C ASP A 109 -0.55 -7.26 -4.60
N SER A 110 -0.52 -6.00 -4.19
CA SER A 110 0.67 -5.42 -3.57
C SER A 110 1.00 -6.16 -2.28
N TYR A 111 -0.04 -6.44 -1.50
CA TYR A 111 0.10 -7.17 -0.25
C TYR A 111 0.65 -8.57 -0.49
N ARG A 112 0.04 -9.29 -1.43
CA ARG A 112 0.41 -10.67 -1.70
C ARG A 112 1.82 -10.80 -2.30
N ILE A 113 2.31 -9.71 -2.90
CA ILE A 113 3.65 -9.70 -3.46
C ILE A 113 4.69 -9.28 -2.42
N PHE A 114 4.38 -8.24 -1.65
CA PHE A 114 5.35 -7.64 -0.74
C PHE A 114 5.24 -8.11 0.71
N CYS A 115 4.02 -8.20 1.23
CA CYS A 115 3.81 -8.51 2.64
C CYS A 115 3.88 -10.01 2.95
N VAL A 116 3.55 -10.83 1.96
CA VAL A 116 3.68 -12.27 2.09
C VAL A 116 4.33 -12.86 0.84
N ASN A 117 4.68 -14.14 0.89
CA ASN A 117 5.25 -14.80 -0.28
C ASN A 117 4.20 -15.54 -1.10
N GLU A 118 3.49 -14.79 -1.93
CA GLU A 118 2.52 -15.38 -2.86
C GLU A 118 2.76 -14.80 -4.23
N TRP A 119 3.87 -14.07 -4.38
CA TRP A 119 4.18 -13.35 -5.61
C TRP A 119 4.24 -14.23 -6.85
N LYS A 120 4.45 -15.53 -6.66
CA LYS A 120 4.39 -16.47 -7.76
C LYS A 120 2.94 -16.70 -8.16
N GLN A 121 2.04 -16.62 -7.19
CA GLN A 121 0.62 -16.85 -7.41
C GLN A 121 -0.12 -15.56 -7.76
N VAL A 122 0.64 -14.47 -7.87
CA VAL A 122 0.06 -13.16 -8.15
C VAL A 122 0.18 -12.76 -9.62
N HIS A 123 -0.93 -12.33 -10.20
CA HIS A 123 -0.94 -11.82 -11.56
C HIS A 123 -1.59 -10.43 -11.58
N PRO A 124 -0.76 -9.39 -11.40
CA PRO A 124 -1.23 -8.00 -11.27
C PRO A 124 -1.66 -7.38 -12.59
N GLU A 125 -2.60 -6.45 -12.52
CA GLU A 125 -3.05 -5.71 -13.70
C GLU A 125 -2.39 -4.34 -13.75
N ASN A 126 -2.01 -3.84 -12.58
CA ASN A 126 -1.35 -2.54 -12.47
C ASN A 126 -0.01 -2.54 -13.22
N HIS A 127 0.29 -1.41 -13.85
CA HIS A 127 1.47 -1.31 -14.72
C HIS A 127 2.79 -1.42 -13.94
N LYS A 128 2.97 -0.56 -12.95
CA LYS A 128 4.21 -0.53 -12.18
C LYS A 128 4.41 -1.82 -11.39
N LEU A 129 3.32 -2.45 -10.96
CA LEU A 129 3.39 -3.74 -10.30
C LEU A 129 3.93 -4.81 -11.24
N ASN A 130 3.45 -4.80 -12.47
CA ASN A 130 3.91 -5.73 -13.49
C ASN A 130 5.40 -5.64 -13.72
N LYS A 131 5.93 -4.42 -13.76
CA LYS A 131 7.35 -4.20 -13.96
C LYS A 131 8.19 -4.83 -12.86
N TYR A 132 7.74 -4.66 -11.61
CA TYR A 132 8.42 -5.26 -10.47
C TYR A 132 8.21 -6.77 -10.47
N HIS A 133 6.99 -7.19 -10.82
CA HIS A 133 6.64 -8.60 -10.83
C HIS A 133 7.41 -9.36 -11.92
N ASP A 134 7.59 -8.71 -13.07
CA ASP A 134 8.36 -9.29 -14.17
C ASP A 134 9.84 -9.32 -13.82
N TRP A 135 10.33 -8.23 -13.24
CA TRP A 135 11.71 -8.14 -12.77
C TRP A 135 11.98 -9.19 -11.68
N LEU A 136 10.92 -9.72 -11.09
CA LEU A 136 11.05 -10.65 -9.97
C LEU A 136 11.46 -12.06 -10.44
N TRP A 137 10.71 -12.59 -11.40
CA TRP A 137 10.96 -13.90 -12.01
C TRP A 137 12.37 -13.99 -12.61
N GLU A 138 12.75 -12.92 -13.30
CA GLU A 138 14.00 -12.88 -14.05
C GLU A 138 15.25 -12.87 -13.14
N ASN A 139 15.13 -12.25 -11.97
CA ASN A 139 16.28 -12.10 -11.08
C ASN A 139 16.21 -12.90 -9.77
N HIS A 140 15.11 -13.61 -9.53
CA HIS A 140 14.91 -14.29 -8.24
C HIS A 140 15.95 -15.38 -7.98
N GLU A 141 16.42 -16.04 -9.04
CA GLU A 141 17.43 -17.07 -8.90
C GLU A 141 18.79 -16.43 -8.62
N LYS A 142 19.02 -15.26 -9.20
CA LYS A 142 20.27 -14.53 -9.00
C LYS A 142 20.32 -13.92 -7.61
N LEU A 143 19.15 -13.62 -7.06
CA LEU A 143 19.05 -13.06 -5.71
C LEU A 143 18.85 -14.17 -4.69
N SER A 144 18.84 -15.41 -5.18
CA SER A 144 18.59 -16.60 -4.36
C SER A 144 17.27 -16.51 -3.61
N LEU A 145 16.17 -16.46 -4.35
CA LEU A 145 14.85 -16.38 -3.77
C LEU A 145 13.98 -17.55 -4.22
N SER A 146 12.75 -17.61 -3.69
CA SER A 146 11.83 -18.69 -4.01
C SER A 146 10.40 -18.31 -3.67
C1 EDO D . 11.61 4.42 -2.62
O1 EDO D . 11.05 3.10 -2.62
C2 EDO D . 10.52 5.44 -2.26
O2 EDO D . 9.48 5.39 -3.24
NI NI E . -11.64 -4.21 -0.47
#